data_9B23
#
_entry.id   9B23
#
_cell.length_a   1.00
_cell.length_b   1.00
_cell.length_c   1.00
_cell.angle_alpha   90.00
_cell.angle_beta   90.00
_cell.angle_gamma   90.00
#
_symmetry.space_group_name_H-M   'P 1'
#
_entity_poly.entity_id   1
_entity_poly.type   'polypeptide(L)'
_entity_poly.pdbx_seq_one_letter_code
;MGSSHHHHHHSSGLVPRGSHMLGSLVGQDSGYVGGLPKNVKEKLLSLKTLQSELFEVEKEFQVEMFELENKFLQKYKPIW
EQRSRIISGQEQPKPEQIAKGQEIVESLNETELLVDEEEKAQNDSEEEQVKGIPSFWLTALENLPIVCDTITDRDAEVLE
YLQDIGLEYLTDGRPGFKLLFRFDSSANPFFTNDILCKTYFYQKELGYSGDFIYDHAEGCEISWKDNAHNVTVDLEMRKQ
RNKTTKQVRTIEKITPIESFFNFFDPPKIQNEDQDEELEEDLEERLALDYSIGEQLKDKLIPRAVDWFTGAAL
;
_entity_poly.pdbx_strand_id   D,E
#
# COMPACT_ATOMS: atom_id res chain seq x y z
N ASP A 29 -10.31 15.79 -22.82
CA ASP A 29 -10.69 16.77 -23.83
C ASP A 29 -12.19 16.68 -24.13
N SER A 30 -12.92 17.74 -23.80
CA SER A 30 -14.36 17.75 -24.04
C SER A 30 -14.67 17.64 -25.52
N GLY A 31 -13.89 18.32 -26.36
CA GLY A 31 -14.13 18.27 -27.80
C GLY A 31 -14.05 16.85 -28.33
N TYR A 32 -13.01 16.11 -27.93
CA TYR A 32 -12.90 14.72 -28.35
C TYR A 32 -14.04 13.89 -27.80
N VAL A 33 -14.45 14.15 -26.55
CA VAL A 33 -15.56 13.42 -25.96
C VAL A 33 -16.83 13.60 -26.80
N GLY A 34 -17.10 14.85 -27.19
CA GLY A 34 -18.23 15.08 -28.07
C GLY A 34 -18.09 14.38 -29.41
N GLY A 35 -16.87 14.38 -29.95
CA GLY A 35 -16.62 13.70 -31.21
C GLY A 35 -16.94 12.22 -31.19
N LEU A 36 -16.99 11.63 -30.01
CA LEU A 36 -17.26 10.19 -29.90
C LEU A 36 -18.60 9.86 -30.54
N PRO A 37 -18.65 8.94 -31.50
CA PRO A 37 -19.94 8.53 -32.06
C PRO A 37 -20.84 7.92 -31.01
N LYS A 38 -22.15 8.02 -31.24
CA LYS A 38 -23.14 7.48 -30.32
C LYS A 38 -22.84 6.01 -30.00
N ASN A 39 -22.41 5.25 -31.00
CA ASN A 39 -22.01 3.87 -30.75
C ASN A 39 -20.81 3.82 -29.80
N VAL A 40 -19.84 4.70 -30.00
CA VAL A 40 -18.66 4.73 -29.14
C VAL A 40 -19.05 5.10 -27.72
N LYS A 41 -19.98 6.05 -27.56
CA LYS A 41 -20.44 6.41 -26.22
C LYS A 41 -21.16 5.24 -25.56
N GLU A 42 -21.95 4.49 -26.33
CA GLU A 42 -22.57 3.28 -25.79
C GLU A 42 -21.52 2.30 -25.29
N LYS A 43 -20.47 2.09 -26.09
CA LYS A 43 -19.40 1.18 -25.69
C LYS A 43 -18.71 1.67 -24.43
N LEU A 44 -18.47 2.98 -24.32
CA LEU A 44 -17.86 3.53 -23.12
C LEU A 44 -18.75 3.32 -21.90
N LEU A 45 -20.06 3.49 -22.07
CA LEU A 45 -20.99 3.22 -20.96
C LEU A 45 -20.89 1.77 -20.51
N SER A 46 -20.83 0.84 -21.47
CA SER A 46 -20.67 -0.57 -21.11
C SER A 46 -19.36 -0.79 -20.36
N LEU A 47 -18.29 -0.11 -20.79
CA LEU A 47 -17.01 -0.24 -20.12
C LEU A 47 -17.10 0.25 -18.67
N LYS A 48 -17.79 1.36 -18.44
CA LYS A 48 -17.95 1.85 -17.08
C LYS A 48 -18.76 0.87 -16.23
N THR A 49 -19.76 0.23 -16.83
CA THR A 49 -20.47 -0.82 -16.11
C THR A 49 -19.53 -1.95 -15.72
N LEU A 50 -18.64 -2.34 -16.63
CA LEU A 50 -17.65 -3.36 -16.31
C LEU A 50 -16.77 -2.92 -15.15
N GLN A 51 -16.39 -1.64 -15.13
CA GLN A 51 -15.57 -1.13 -14.03
C GLN A 51 -16.32 -1.23 -12.70
N SER A 52 -17.63 -0.96 -12.72
CA SER A 52 -18.43 -1.13 -11.50
C SER A 52 -18.42 -2.59 -11.04
N GLU A 53 -18.56 -3.52 -11.99
CA GLU A 53 -18.47 -4.93 -11.63
C GLU A 53 -17.11 -5.25 -11.02
N LEU A 54 -16.05 -4.62 -11.54
CA LEU A 54 -14.72 -4.82 -10.98
C LEU A 54 -14.67 -4.33 -9.54
N PHE A 55 -15.31 -3.19 -9.26
CA PHE A 55 -15.40 -2.73 -7.87
C PHE A 55 -16.10 -3.75 -6.98
N GLU A 56 -17.16 -4.38 -7.49
CA GLU A 56 -17.81 -5.44 -6.72
C GLU A 56 -16.85 -6.57 -6.40
N VAL A 57 -16.07 -7.00 -7.41
CA VAL A 57 -15.11 -8.06 -7.19
C VAL A 57 -14.07 -7.63 -6.15
N GLU A 58 -13.68 -6.36 -6.18
CA GLU A 58 -12.74 -5.85 -5.18
C GLU A 58 -13.33 -5.89 -3.78
N LYS A 59 -14.62 -5.58 -3.65
CA LYS A 59 -15.28 -5.72 -2.36
C LYS A 59 -15.17 -7.15 -1.84
N GLU A 60 -15.47 -8.12 -2.69
CA GLU A 60 -15.36 -9.52 -2.26
C GLU A 60 -13.92 -9.85 -1.85
N PHE A 61 -12.96 -9.38 -2.64
CA PHE A 61 -11.55 -9.65 -2.35
C PHE A 61 -11.17 -9.08 -1.00
N GLN A 62 -11.61 -7.86 -0.69
CA GLN A 62 -11.29 -7.26 0.59
C GLN A 62 -11.92 -8.03 1.74
N VAL A 63 -13.15 -8.53 1.56
CA VAL A 63 -13.76 -9.33 2.61
C VAL A 63 -12.91 -10.57 2.88
N GLU A 64 -12.48 -11.26 1.82
CA GLU A 64 -11.66 -12.44 2.00
C GLU A 64 -10.34 -12.10 2.69
N MET A 65 -9.72 -11.00 2.28
CA MET A 65 -8.45 -10.60 2.89
C MET A 65 -8.64 -10.31 4.38
N PHE A 66 -9.73 -9.64 4.73
CA PHE A 66 -9.98 -9.32 6.13
C PHE A 66 -10.13 -10.60 6.95
N GLU A 67 -10.89 -11.58 6.44
CA GLU A 67 -11.05 -12.82 7.21
C GLU A 67 -9.73 -13.57 7.35
N LEU A 68 -8.95 -13.65 6.27
CA LEU A 68 -7.66 -14.34 6.37
C LEU A 68 -6.73 -13.62 7.34
N GLU A 69 -6.76 -12.29 7.33
CA GLU A 69 -5.93 -11.52 8.26
C GLU A 69 -6.36 -11.77 9.69
N ASN A 70 -7.66 -11.91 9.94
CA ASN A 70 -8.13 -12.28 11.27
C ASN A 70 -7.58 -13.63 11.68
N LYS A 71 -7.62 -14.60 10.77
CA LYS A 71 -7.09 -15.93 11.07
C LYS A 71 -5.62 -15.85 11.46
N PHE A 72 -4.82 -15.14 10.68
CA PHE A 72 -3.40 -15.06 11.01
C PHE A 72 -3.13 -14.17 12.21
N LEU A 73 -4.06 -13.28 12.56
CA LEU A 73 -3.95 -12.62 13.87
C LEU A 73 -4.16 -13.63 15.00
N GLN A 74 -5.10 -14.55 14.82
CA GLN A 74 -5.24 -15.64 15.79
C GLN A 74 -3.93 -16.40 15.92
N LYS A 75 -3.29 -16.69 14.79
CA LYS A 75 -2.01 -17.40 14.87
C LYS A 75 -0.91 -16.54 15.50
N TYR A 76 -0.94 -15.23 15.30
CA TYR A 76 0.04 -14.36 15.96
C TYR A 76 -0.18 -14.30 17.46
N LYS A 77 -1.43 -14.44 17.92
CA LYS A 77 -1.73 -14.22 19.33
C LYS A 77 -0.83 -15.02 20.28
N PRO A 78 -0.59 -16.31 20.06
CA PRO A 78 0.30 -17.03 20.99
C PRO A 78 1.69 -16.42 21.11
N ILE A 79 2.35 -16.13 19.99
CA ILE A 79 3.71 -15.62 20.04
C ILE A 79 3.74 -14.25 20.70
N TRP A 80 2.76 -13.40 20.36
CA TRP A 80 2.70 -12.08 20.97
C TRP A 80 2.48 -12.18 22.48
N GLU A 81 1.60 -13.10 22.90
CA GLU A 81 1.38 -13.29 24.33
C GLU A 81 2.66 -13.77 25.03
N GLN A 82 3.39 -14.68 24.39
CA GLN A 82 4.62 -15.18 24.99
C GLN A 82 5.67 -14.08 25.13
N ARG A 83 5.84 -13.27 24.08
CA ARG A 83 6.78 -12.16 24.19
C ARG A 83 6.33 -11.15 25.23
N SER A 84 5.01 -10.97 25.38
CA SER A 84 4.51 -10.09 26.43
C SER A 84 4.88 -10.63 27.81
N ARG A 85 4.72 -11.94 28.01
CA ARG A 85 5.12 -12.54 29.29
C ARG A 85 6.61 -12.34 29.52
N ILE A 86 7.43 -12.50 28.47
CA ILE A 86 8.85 -12.24 28.61
C ILE A 86 9.10 -10.80 29.01
N ILE A 87 8.40 -9.86 28.36
CA ILE A 87 8.63 -8.44 28.61
C ILE A 87 8.26 -8.09 30.05
N SER A 88 7.18 -8.67 30.55
CA SER A 88 6.72 -8.39 31.91
C SER A 88 7.52 -9.13 32.97
N GLY A 89 8.32 -10.12 32.59
CA GLY A 89 9.01 -10.95 33.55
C GLY A 89 8.19 -12.06 34.13
N GLN A 90 6.93 -12.20 33.71
CA GLN A 90 6.09 -13.29 34.19
C GLN A 90 6.64 -14.65 33.78
N GLU A 91 7.43 -14.70 32.71
CA GLU A 91 8.03 -15.94 32.23
C GLU A 91 9.53 -15.73 32.05
N GLN A 92 10.28 -16.83 32.19
CA GLN A 92 11.72 -16.80 32.02
C GLN A 92 12.12 -17.60 30.77
N PRO A 93 13.11 -17.13 30.00
CA PRO A 93 13.50 -17.87 28.80
C PRO A 93 14.01 -19.27 29.13
N LYS A 94 13.69 -20.24 28.23
CA LYS A 94 14.26 -21.58 28.35
C LYS A 94 15.61 -21.64 27.65
N PRO A 95 16.49 -22.55 28.06
CA PRO A 95 17.78 -22.68 27.37
C PRO A 95 17.65 -22.97 25.88
N GLU A 96 16.61 -23.70 25.45
CA GLU A 96 16.43 -23.96 24.03
C GLU A 96 16.15 -22.68 23.26
N GLN A 97 15.19 -21.88 23.75
CA GLN A 97 14.94 -20.58 23.13
C GLN A 97 16.18 -19.70 23.20
N ILE A 98 16.95 -19.83 24.28
CA ILE A 98 18.16 -19.03 24.43
C ILE A 98 19.16 -19.38 23.34
N ALA A 99 19.37 -20.67 23.10
CA ALA A 99 20.31 -21.09 22.07
C ALA A 99 19.82 -20.69 20.68
N LYS A 100 18.52 -20.81 20.43
CA LYS A 100 17.99 -20.40 19.13
C LYS A 100 18.18 -18.90 18.91
N GLY A 101 17.94 -18.10 19.96
CA GLY A 101 18.22 -16.69 19.88
C GLY A 101 19.69 -16.39 19.65
N GLN A 102 20.56 -17.17 20.30
CA GLN A 102 22.00 -17.00 20.07
C GLN A 102 22.36 -17.27 18.61
N GLU A 103 21.76 -18.29 18.01
CA GLU A 103 22.00 -18.56 16.60
C GLU A 103 21.51 -17.39 15.74
N ILE A 104 20.29 -16.92 16.00
CA ILE A 104 19.76 -15.80 15.22
C ILE A 104 20.62 -14.56 15.41
N VAL A 105 21.23 -14.41 16.58
CA VAL A 105 22.17 -13.33 16.83
C VAL A 105 23.42 -13.51 15.98
N GLU A 106 23.96 -14.73 15.94
CA GLU A 106 25.08 -14.99 15.06
C GLU A 106 24.75 -14.62 13.62
N SER A 107 23.49 -14.81 13.23
CA SER A 107 23.04 -14.31 11.93
C SER A 107 22.98 -12.78 11.93
N LEU A 108 23.13 -12.17 10.75
CA LEU A 108 23.11 -10.69 10.64
C LEU A 108 24.06 -10.13 11.70
N ASN A 109 23.60 -9.25 12.60
CA ASN A 109 24.44 -8.65 13.67
C ASN A 109 23.56 -8.26 14.85
N GLU A 110 23.56 -9.06 15.92
CA GLU A 110 22.79 -8.76 17.16
C GLU A 110 23.64 -9.15 18.36
N THR A 111 24.97 -9.12 18.23
CA THR A 111 25.90 -9.56 19.30
C THR A 111 25.63 -8.81 20.61
N GLU A 112 24.83 -7.75 20.59
CA GLU A 112 24.41 -7.06 21.85
C GLU A 112 23.82 -8.11 22.79
N LEU A 113 23.18 -9.14 22.24
CA LEU A 113 22.51 -10.19 23.06
C LEU A 113 23.52 -11.27 23.47
N LEU A 114 24.65 -11.45 22.78
CA LEU A 114 25.58 -12.48 23.23
C LEU A 114 26.00 -12.20 24.67
N VAL A 115 25.70 -13.15 25.56
CA VAL A 115 25.92 -12.95 26.98
C VAL A 115 27.40 -13.14 27.29
N ASP A 116 27.96 -12.24 28.09
CA ASP A 116 29.36 -12.25 28.44
C ASP A 116 29.60 -12.97 29.76
N GLU A 117 30.88 -13.20 30.06
CA GLU A 117 31.24 -13.88 31.29
C GLU A 117 30.80 -13.09 32.52
N GLU A 118 30.93 -11.77 32.47
CA GLU A 118 30.60 -10.95 33.63
C GLU A 118 29.15 -11.13 34.04
N GLU A 119 28.25 -11.33 33.08
CA GLU A 119 26.84 -11.51 33.42
C GLU A 119 26.56 -12.89 34.00
N LYS A 120 27.20 -13.93 33.45
CA LYS A 120 26.98 -15.28 33.97
C LYS A 120 27.36 -15.38 35.44
N ALA A 121 28.31 -14.55 35.89
CA ALA A 121 28.65 -14.53 37.31
C ALA A 121 27.49 -14.04 38.15
N GLN A 122 26.58 -13.25 37.57
CA GLN A 122 25.47 -12.69 38.32
C GLN A 122 24.51 -13.80 38.76
N ASN A 123 23.64 -13.46 39.71
CA ASN A 123 22.67 -14.37 40.25
C ASN A 123 21.26 -13.84 40.00
N ASP A 124 20.30 -14.77 39.86
CA ASP A 124 18.92 -14.36 39.62
C ASP A 124 18.39 -13.51 40.76
N SER A 125 18.84 -13.75 41.99
CA SER A 125 18.40 -12.92 43.11
C SER A 125 18.76 -11.46 42.88
N GLU A 126 19.95 -11.20 42.37
CA GLU A 126 20.34 -9.84 42.04
C GLU A 126 19.59 -9.32 40.83
N GLU A 127 19.46 -10.15 39.79
CA GLU A 127 18.89 -9.69 38.53
C GLU A 127 17.38 -9.48 38.63
N GLU A 128 16.68 -10.42 39.27
CA GLU A 128 15.22 -10.36 39.30
C GLU A 128 14.68 -9.22 40.16
N GLN A 129 15.53 -8.44 40.82
CA GLN A 129 15.04 -7.26 41.53
C GLN A 129 14.33 -6.30 40.59
N VAL A 130 14.68 -6.32 39.30
CA VAL A 130 13.90 -5.66 38.26
C VAL A 130 13.28 -6.77 37.41
N LYS A 131 11.95 -6.87 37.45
CA LYS A 131 11.23 -7.92 36.78
C LYS A 131 10.56 -7.34 35.53
N GLY A 132 10.78 -7.99 34.39
CA GLY A 132 10.31 -7.47 33.14
C GLY A 132 11.30 -6.47 32.54
N ILE A 133 10.88 -5.87 31.44
CA ILE A 133 11.72 -4.96 30.65
C ILE A 133 11.27 -3.53 30.96
N PRO A 134 12.10 -2.71 31.60
CA PRO A 134 11.68 -1.33 31.89
C PRO A 134 11.35 -0.55 30.63
N SER A 135 10.18 0.11 30.66
CA SER A 135 9.79 1.06 29.61
C SER A 135 9.88 0.44 28.22
N PHE A 136 9.48 -0.82 28.11
CA PHE A 136 9.54 -1.49 26.81
C PHE A 136 8.61 -0.83 25.80
N TRP A 137 7.33 -0.68 26.15
CA TRP A 137 6.37 -0.16 25.19
C TRP A 137 6.52 1.33 24.98
N LEU A 138 6.74 2.09 26.06
CA LEU A 138 6.98 3.52 25.91
C LEU A 138 8.16 3.76 24.99
N THR A 139 9.23 2.97 25.15
CA THR A 139 10.37 3.07 24.24
C THR A 139 9.95 2.69 22.83
N ALA A 140 9.13 1.65 22.68
CA ALA A 140 8.72 1.21 21.36
C ALA A 140 7.95 2.31 20.63
N LEU A 141 6.98 2.92 21.32
CA LEU A 141 6.18 3.96 20.68
C LEU A 141 7.04 5.17 20.31
N GLU A 142 7.97 5.55 21.18
CA GLU A 142 8.79 6.73 20.91
C GLU A 142 9.64 6.55 19.66
N ASN A 143 10.11 5.33 19.39
CA ASN A 143 10.87 5.08 18.18
C ASN A 143 9.98 5.14 16.94
N LEU A 144 8.69 4.92 17.10
CA LEU A 144 7.77 4.94 15.97
C LEU A 144 7.58 6.38 15.50
N PRO A 145 7.87 6.70 14.22
CA PRO A 145 8.03 8.12 13.84
C PRO A 145 6.83 9.01 14.09
N ILE A 146 5.67 8.71 13.50
CA ILE A 146 4.55 9.63 13.53
C ILE A 146 3.97 9.72 14.93
N VAL A 147 3.75 8.58 15.57
CA VAL A 147 3.00 8.55 16.83
C VAL A 147 3.79 9.23 17.94
N CYS A 148 5.11 9.06 17.96
CA CYS A 148 5.91 9.61 19.04
C CYS A 148 5.76 11.13 19.15
N ASP A 149 5.38 11.81 18.07
CA ASP A 149 5.16 13.25 18.15
C ASP A 149 4.05 13.60 19.12
N THR A 150 3.02 12.75 19.20
CA THR A 150 1.85 13.06 20.03
C THR A 150 2.12 12.85 21.51
N ILE A 151 3.05 11.98 21.87
CA ILE A 151 3.26 11.62 23.27
C ILE A 151 4.03 12.73 23.98
N THR A 152 3.46 13.20 25.09
CA THR A 152 4.11 14.18 25.95
C THR A 152 4.64 13.48 27.20
N ASP A 153 5.34 14.23 28.04
CA ASP A 153 5.83 13.68 29.29
C ASP A 153 4.69 13.22 30.18
N ARG A 154 3.60 13.99 30.22
CA ARG A 154 2.45 13.58 31.02
C ARG A 154 1.84 12.30 30.48
N ASP A 155 1.74 12.18 29.15
CA ASP A 155 1.35 10.90 28.56
C ASP A 155 2.36 9.83 28.92
N ALA A 156 3.65 10.14 28.76
CA ALA A 156 4.70 9.16 29.00
C ALA A 156 4.55 8.54 30.39
N GLU A 157 4.27 9.37 31.39
CA GLU A 157 4.16 8.87 32.77
C GLU A 157 3.18 7.72 32.87
N VAL A 158 2.10 7.75 32.10
CA VAL A 158 1.17 6.62 32.07
C VAL A 158 1.82 5.44 31.34
N LEU A 159 2.57 5.70 30.27
CA LEU A 159 3.04 4.64 29.40
C LEU A 159 4.02 3.70 30.07
N GLU A 160 4.75 4.14 31.12
CA GLU A 160 5.59 3.18 31.83
C GLU A 160 4.75 2.05 32.40
N TYR A 161 3.50 2.33 32.75
CA TYR A 161 2.59 1.28 33.21
C TYR A 161 2.00 0.50 32.05
N LEU A 162 2.23 0.92 30.82
CA LEU A 162 1.84 0.10 29.67
C LEU A 162 2.71 -1.15 29.64
N GLN A 163 2.08 -2.32 29.64
CA GLN A 163 2.81 -3.57 29.57
C GLN A 163 2.36 -4.44 28.40
N ASP A 164 1.37 -3.98 27.61
CA ASP A 164 0.87 -4.72 26.46
C ASP A 164 0.30 -3.72 25.46
N ILE A 165 0.39 -4.07 24.17
CA ILE A 165 -0.32 -3.37 23.12
C ILE A 165 -0.93 -4.41 22.21
N GLY A 166 -2.26 -4.46 22.15
CA GLY A 166 -2.96 -5.51 21.44
C GLY A 166 -3.76 -5.02 20.25
N LEU A 167 -4.02 -5.92 19.30
CA LEU A 167 -4.84 -5.62 18.15
C LEU A 167 -6.10 -6.46 18.19
N GLU A 168 -7.19 -5.88 17.68
CA GLU A 168 -8.42 -6.61 17.45
C GLU A 168 -9.05 -6.11 16.17
N TYR A 169 -9.66 -7.04 15.43
CA TYR A 169 -10.31 -6.74 14.16
C TYR A 169 -11.81 -6.86 14.37
N LEU A 170 -12.52 -5.78 14.11
CA LEU A 170 -13.95 -5.73 14.43
C LEU A 170 -14.73 -6.59 13.46
N THR A 171 -14.54 -7.91 13.53
CA THR A 171 -15.28 -8.81 12.67
C THR A 171 -16.78 -8.66 12.91
N ASP A 172 -17.18 -8.58 14.17
CA ASP A 172 -18.57 -8.29 14.50
C ASP A 172 -18.82 -6.79 14.44
N GLY A 173 -20.01 -6.42 13.97
CA GLY A 173 -20.36 -5.02 13.87
C GLY A 173 -19.68 -4.32 12.72
N ARG A 174 -19.58 -3.01 12.85
CA ARG A 174 -18.99 -2.18 11.81
C ARG A 174 -17.55 -2.58 11.54
N PRO A 175 -17.13 -2.72 10.29
CA PRO A 175 -15.75 -3.13 10.01
C PRO A 175 -14.75 -2.08 10.47
N GLY A 176 -13.57 -2.55 10.82
CA GLY A 176 -12.53 -1.70 11.35
C GLY A 176 -11.66 -2.48 12.31
N PHE A 177 -10.72 -1.78 12.94
CA PHE A 177 -9.82 -2.40 13.88
C PHE A 177 -9.79 -1.59 15.18
N LYS A 178 -9.57 -2.29 16.28
CA LYS A 178 -9.49 -1.70 17.60
C LYS A 178 -8.11 -1.94 18.19
N LEU A 179 -7.57 -0.94 18.85
CA LEU A 179 -6.29 -1.03 19.54
C LEU A 179 -6.54 -1.14 21.04
N LEU A 180 -5.74 -1.95 21.72
CA LEU A 180 -5.90 -2.20 23.14
C LEU A 180 -4.62 -1.86 23.88
N PHE A 181 -4.76 -1.11 24.97
CA PHE A 181 -3.66 -0.71 25.83
C PHE A 181 -3.98 -1.19 27.23
N ARG A 182 -3.00 -1.82 27.88
CA ARG A 182 -3.22 -2.49 29.16
C ARG A 182 -2.38 -1.87 30.26
N PHE A 183 -2.93 -1.89 31.47
CA PHE A 183 -2.32 -1.30 32.64
C PHE A 183 -2.73 -2.12 33.86
N ASP A 184 -2.13 -1.80 35.00
CA ASP A 184 -2.48 -2.41 36.28
C ASP A 184 -3.09 -1.32 37.16
N SER A 185 -4.35 -1.53 37.58
CA SER A 185 -4.99 -0.57 38.46
C SER A 185 -4.30 -0.48 39.81
N SER A 186 -3.83 -1.61 40.34
CA SER A 186 -3.15 -1.61 41.62
C SER A 186 -1.79 -0.94 41.55
N ALA A 187 -1.22 -0.79 40.36
CA ALA A 187 0.10 -0.18 40.19
C ALA A 187 0.01 1.28 39.78
N ASN A 188 -0.74 1.59 38.72
CA ASN A 188 -0.77 2.95 38.22
C ASN A 188 -1.62 3.85 39.13
N PRO A 189 -1.22 5.12 39.28
CA PRO A 189 -2.02 6.06 40.10
C PRO A 189 -3.02 6.91 39.33
N PHE A 190 -3.15 6.73 38.03
CA PHE A 190 -3.88 7.68 37.19
C PHE A 190 -5.34 7.32 37.01
N PHE A 191 -5.64 6.06 36.67
CA PHE A 191 -7.01 5.67 36.37
C PHE A 191 -7.25 4.25 36.86
N THR A 192 -8.53 3.94 37.07
CA THR A 192 -8.96 2.63 37.55
C THR A 192 -9.20 1.64 36.41
N ASN A 193 -8.75 1.96 35.20
CA ASN A 193 -8.97 1.11 34.04
C ASN A 193 -7.73 0.27 33.78
N ASP A 194 -7.90 -1.06 33.80
CA ASP A 194 -6.78 -1.94 33.49
C ASP A 194 -6.46 -1.92 32.00
N ILE A 195 -7.45 -1.64 31.16
CA ILE A 195 -7.27 -1.66 29.72
C ILE A 195 -7.87 -0.38 29.13
N LEU A 196 -7.11 0.28 28.27
CA LEU A 196 -7.60 1.37 27.44
C LEU A 196 -7.56 0.93 25.98
N CYS A 197 -8.61 1.23 25.24
CA CYS A 197 -8.70 0.81 23.84
C CYS A 197 -9.13 1.97 22.96
N LYS A 198 -8.65 1.93 21.71
CA LYS A 198 -8.99 2.89 20.68
C LYS A 198 -9.58 2.15 19.50
N THR A 199 -10.45 2.81 18.76
CA THR A 199 -11.18 2.17 17.67
C THR A 199 -11.10 2.99 16.40
N TYR A 200 -11.05 2.30 15.26
CA TYR A 200 -11.13 2.90 13.94
C TYR A 200 -12.17 2.15 13.13
N PHE A 201 -12.87 2.88 12.26
CA PHE A 201 -14.01 2.36 11.54
C PHE A 201 -13.91 2.73 10.06
N TYR A 202 -14.38 1.84 9.21
CA TYR A 202 -14.32 2.00 7.76
C TYR A 202 -15.72 2.23 7.21
N GLN A 203 -15.78 2.84 6.03
CA GLN A 203 -17.05 3.00 5.35
C GLN A 203 -17.51 1.66 4.78
N LYS A 204 -18.83 1.55 4.58
CA LYS A 204 -19.40 0.32 4.04
C LYS A 204 -18.97 0.05 2.61
N GLU A 205 -18.43 1.06 1.91
CA GLU A 205 -17.97 0.91 0.54
C GLU A 205 -16.48 1.19 0.47
N LEU A 206 -15.81 0.48 -0.45
CA LEU A 206 -14.38 0.63 -0.63
C LEU A 206 -14.04 2.00 -1.21
N GLY A 207 -12.79 2.41 -1.04
CA GLY A 207 -12.30 3.60 -1.69
C GLY A 207 -12.14 3.38 -3.18
N TYR A 208 -11.84 4.48 -3.88
CA TYR A 208 -11.70 4.41 -5.33
C TYR A 208 -10.57 3.47 -5.74
N SER A 209 -9.44 3.52 -5.03
CA SER A 209 -8.30 2.70 -5.36
C SER A 209 -8.53 1.23 -5.05
N GLY A 210 -9.64 0.88 -4.40
CA GLY A 210 -9.87 -0.48 -3.94
C GLY A 210 -9.46 -0.74 -2.51
N ASP A 211 -8.76 0.20 -1.88
CA ASP A 211 -8.42 0.08 -0.47
C ASP A 211 -9.58 0.53 0.40
N PHE A 212 -9.47 0.28 1.70
CA PHE A 212 -10.50 0.68 2.63
C PHE A 212 -10.44 2.18 2.89
N ILE A 213 -11.60 2.76 3.20
CA ILE A 213 -11.73 4.18 3.49
C ILE A 213 -12.49 4.32 4.80
N TYR A 214 -12.42 5.51 5.39
CA TYR A 214 -12.62 5.69 6.82
C TYR A 214 -13.99 6.27 7.17
N ASP A 215 -14.42 5.94 8.38
CA ASP A 215 -15.59 6.50 9.04
C ASP A 215 -15.13 7.17 10.32
N HIS A 216 -16.02 7.91 10.97
CA HIS A 216 -15.65 8.61 12.19
C HIS A 216 -15.19 7.61 13.24
N ALA A 217 -14.13 7.98 13.97
CA ALA A 217 -13.54 7.13 15.00
C ALA A 217 -14.07 7.51 16.37
N GLU A 218 -13.84 6.62 17.34
CA GLU A 218 -14.31 6.81 18.70
C GLU A 218 -13.25 6.33 19.68
N GLY A 219 -13.31 6.86 20.91
CA GLY A 219 -12.37 6.47 21.94
C GLY A 219 -13.08 6.33 23.27
N CYS A 220 -12.38 5.69 24.21
CA CYS A 220 -12.94 5.42 25.52
C CYS A 220 -12.87 6.64 26.43
N GLU A 221 -13.83 6.73 27.35
CA GLU A 221 -13.78 7.73 28.41
C GLU A 221 -12.90 7.21 29.53
N ILE A 222 -11.81 7.93 29.80
CA ILE A 222 -10.80 7.46 30.74
C ILE A 222 -11.32 7.65 32.16
N SER A 223 -11.35 6.56 32.93
CA SER A 223 -11.84 6.59 34.30
C SER A 223 -10.74 7.11 35.23
N TRP A 224 -10.44 8.39 35.10
CA TRP A 224 -9.41 9.00 35.91
C TRP A 224 -9.73 8.84 37.39
N LYS A 225 -8.71 8.50 38.17
CA LYS A 225 -8.90 8.42 39.62
C LYS A 225 -9.24 9.79 40.19
N ASP A 226 -8.64 10.84 39.66
CA ASP A 226 -9.00 12.20 40.02
C ASP A 226 -8.57 13.14 38.90
N ASN A 227 -9.12 14.35 38.91
CA ASN A 227 -8.82 15.30 37.84
C ASN A 227 -7.38 15.77 37.89
N ALA A 228 -6.77 15.82 39.08
CA ALA A 228 -5.39 16.30 39.18
C ALA A 228 -4.45 15.39 38.40
N HIS A 229 -4.62 14.08 38.52
CA HIS A 229 -3.79 13.15 37.75
C HIS A 229 -4.12 13.19 36.27
N ASN A 230 -5.35 13.56 35.92
CA ASN A 230 -5.77 13.52 34.53
C ASN A 230 -4.83 14.38 33.68
N VAL A 231 -4.45 13.85 32.52
CA VAL A 231 -3.41 14.45 31.69
C VAL A 231 -3.96 15.04 30.39
N THR A 232 -5.25 14.91 30.14
CA THR A 232 -5.86 15.54 28.97
C THR A 232 -6.45 16.91 29.29
N VAL A 233 -6.17 17.45 30.47
CA VAL A 233 -6.77 18.69 30.93
C VAL A 233 -5.78 19.42 31.82
N ASP A 234 -5.90 20.75 31.86
CA ASP A 234 -5.17 21.61 32.78
C ASP A 234 -6.17 22.44 33.56
N LEU A 235 -6.01 22.48 34.88
CA LEU A 235 -7.04 23.01 35.77
C LEU A 235 -6.52 24.20 36.58
N GLU A 236 -7.45 25.01 37.04
CA GLU A 236 -7.17 26.14 37.91
C GLU A 236 -8.33 26.31 38.88
N MET A 237 -8.04 26.88 40.06
CA MET A 237 -9.02 27.06 41.10
C MET A 237 -8.93 28.47 41.66
N ARG A 238 -10.08 29.07 41.97
CA ARG A 238 -10.15 30.40 42.54
C ARG A 238 -11.11 30.39 43.72
N LYS A 239 -11.03 31.46 44.52
CA LYS A 239 -11.99 31.73 45.57
C LYS A 239 -12.30 33.22 45.55
N GLN A 240 -13.58 33.56 45.70
CA GLN A 240 -14.02 34.94 45.57
C GLN A 240 -15.10 35.28 46.58
N ARG A 241 -14.95 36.44 47.22
CA ARG A 241 -16.07 37.11 47.87
C ARG A 241 -16.63 38.16 46.91
N ASN A 242 -17.26 37.64 45.86
CA ASN A 242 -17.59 38.42 44.67
C ASN A 242 -18.69 39.43 45.01
N LYS A 243 -18.29 40.67 45.30
CA LYS A 243 -19.28 41.72 45.55
C LYS A 243 -20.12 42.00 44.32
N THR A 244 -19.58 41.76 43.12
CA THR A 244 -20.36 41.96 41.92
C THR A 244 -21.64 41.14 41.93
N THR A 245 -21.61 39.97 42.59
CA THR A 245 -22.79 39.15 42.79
C THR A 245 -23.09 38.89 44.27
N LYS A 246 -22.31 39.45 45.18
CA LYS A 246 -22.47 39.23 46.61
C LYS A 246 -22.49 37.72 46.90
N GLN A 247 -21.51 37.03 46.33
CA GLN A 247 -21.40 35.57 46.44
C GLN A 247 -20.05 35.22 47.04
N VAL A 248 -20.06 34.54 48.19
CA VAL A 248 -18.87 33.90 48.74
C VAL A 248 -18.83 32.52 48.09
N ARG A 249 -18.06 32.40 47.02
CA ARG A 249 -18.20 31.28 46.09
C ARG A 249 -16.84 30.74 45.69
N THR A 250 -16.80 29.43 45.42
CA THR A 250 -15.61 28.75 44.94
C THR A 250 -15.84 28.31 43.50
N ILE A 251 -14.79 28.41 42.68
CA ILE A 251 -14.91 28.21 41.24
C ILE A 251 -13.86 27.21 40.78
N GLU A 252 -14.19 26.49 39.70
CA GLU A 252 -13.28 25.53 39.09
C GLU A 252 -13.34 25.68 37.58
N LYS A 253 -12.19 25.48 36.93
CA LYS A 253 -12.07 25.65 35.49
C LYS A 253 -11.21 24.53 34.92
N ILE A 254 -11.63 24.00 33.77
CA ILE A 254 -10.96 22.87 33.12
C ILE A 254 -10.70 23.24 31.68
N THR A 255 -9.48 22.97 31.20
CA THR A 255 -9.08 23.30 29.84
C THR A 255 -8.51 22.06 29.16
N PRO A 256 -9.03 21.66 28.00
CA PRO A 256 -8.34 20.63 27.21
C PRO A 256 -6.97 21.10 26.77
N ILE A 257 -6.03 20.16 26.68
CA ILE A 257 -4.65 20.44 26.31
C ILE A 257 -4.17 19.35 25.35
N GLU A 258 -3.06 19.63 24.69
CA GLU A 258 -2.48 18.68 23.74
C GLU A 258 -1.79 17.54 24.49
N SER A 259 -2.08 16.31 24.08
CA SER A 259 -1.49 15.14 24.69
C SER A 259 -1.86 13.92 23.87
N PHE A 260 -0.97 12.91 23.88
CA PHE A 260 -1.24 11.70 23.12
C PHE A 260 -2.58 11.09 23.50
N PHE A 261 -2.96 11.17 24.78
CA PHE A 261 -4.24 10.60 25.19
C PHE A 261 -5.42 11.33 24.58
N ASN A 262 -5.20 12.50 23.97
CA ASN A 262 -6.19 13.04 23.05
C ASN A 262 -6.41 12.12 21.86
N PHE A 263 -5.51 11.14 21.66
CA PHE A 263 -5.74 10.10 20.68
C PHE A 263 -7.07 9.39 20.90
N PHE A 264 -7.53 9.33 22.15
CA PHE A 264 -8.89 8.94 22.46
C PHE A 264 -9.80 10.17 22.39
N ASP A 265 -11.08 9.96 22.67
CA ASP A 265 -12.10 10.99 22.53
C ASP A 265 -11.96 11.74 21.20
N PRO A 266 -11.88 11.03 20.08
CA PRO A 266 -11.69 11.68 18.78
C PRO A 266 -12.87 12.56 18.42
N PRO A 267 -12.75 13.37 17.36
CA PRO A 267 -13.80 14.34 17.05
C PRO A 267 -15.10 13.68 16.61
N LYS A 268 -16.18 14.43 16.78
CA LYS A 268 -17.51 14.07 16.27
C LYS A 268 -18.17 15.34 15.74
N ILE A 269 -19.34 15.17 15.14
CA ILE A 269 -19.91 16.23 14.30
C ILE A 269 -21.28 16.66 14.82
N GLN A 270 -21.56 17.96 14.64
CA GLN A 270 -22.89 18.53 14.80
C GLN A 270 -23.17 19.41 13.59
N ASN A 271 -24.34 19.24 12.98
CA ASN A 271 -24.55 19.66 11.60
C ASN A 271 -24.12 21.10 11.34
N GLU A 272 -24.71 22.07 12.05
CA GLU A 272 -24.47 23.47 11.70
C GLU A 272 -23.01 23.83 11.89
N ASP A 273 -22.47 23.56 13.08
CA ASP A 273 -21.05 23.79 13.32
C ASP A 273 -20.18 22.92 12.43
N GLN A 274 -20.74 21.84 11.88
CA GLN A 274 -19.92 20.89 11.13
C GLN A 274 -19.38 21.53 9.86
N ASP A 275 -20.22 22.25 9.13
CA ASP A 275 -19.83 22.69 7.79
C ASP A 275 -18.82 23.84 7.85
N GLU A 276 -18.90 24.70 8.86
CA GLU A 276 -17.85 25.71 9.04
C GLU A 276 -16.64 25.12 9.75
N GLU A 277 -16.82 24.72 11.00
CA GLU A 277 -15.70 24.36 11.88
C GLU A 277 -15.25 22.91 11.64
N LEU A 278 -16.17 21.98 11.79
CA LEU A 278 -15.75 20.59 11.74
C LEU A 278 -15.38 20.14 10.33
N GLU A 279 -15.61 20.97 9.32
CA GLU A 279 -15.03 20.70 8.01
C GLU A 279 -13.50 20.67 8.10
N GLU A 280 -12.91 21.76 8.60
CA GLU A 280 -11.46 21.79 8.79
C GLU A 280 -11.04 20.78 9.85
N ASP A 281 -11.87 20.60 10.88
CA ASP A 281 -11.57 19.60 11.90
C ASP A 281 -11.39 18.23 11.27
N LEU A 282 -12.31 17.84 10.39
CA LEU A 282 -12.24 16.55 9.73
C LEU A 282 -11.10 16.50 8.72
N GLU A 283 -10.78 17.63 8.09
CA GLU A 283 -9.67 17.66 7.15
C GLU A 283 -8.34 17.34 7.86
N GLU A 284 -8.15 17.84 9.07
CA GLU A 284 -6.86 17.72 9.75
C GLU A 284 -6.82 16.56 10.74
N ARG A 285 -7.72 16.56 11.73
CA ARG A 285 -7.64 15.59 12.81
C ARG A 285 -7.80 14.17 12.29
N LEU A 286 -8.77 13.94 11.40
CA LEU A 286 -8.99 12.59 10.90
C LEU A 286 -7.80 12.08 10.11
N ALA A 287 -7.19 12.94 9.29
CA ALA A 287 -5.99 12.53 8.58
C ALA A 287 -4.91 12.07 9.56
N LEU A 288 -4.61 12.91 10.55
CA LEU A 288 -3.55 12.55 11.50
C LEU A 288 -3.92 11.28 12.26
N ASP A 289 -5.17 11.18 12.69
CA ASP A 289 -5.61 10.05 13.50
C ASP A 289 -5.53 8.74 12.73
N TYR A 290 -6.02 8.73 11.49
CA TYR A 290 -5.95 7.53 10.69
C TYR A 290 -4.51 7.14 10.40
N SER A 291 -3.66 8.14 10.11
CA SER A 291 -2.25 7.84 9.87
C SER A 291 -1.63 7.16 11.08
N ILE A 292 -1.89 7.70 12.27
CA ILE A 292 -1.31 7.13 13.48
C ILE A 292 -1.85 5.72 13.73
N GLY A 293 -3.16 5.53 13.58
CA GLY A 293 -3.73 4.21 13.81
C GLY A 293 -3.15 3.16 12.88
N GLU A 294 -3.07 3.48 11.59
CA GLU A 294 -2.50 2.52 10.65
C GLU A 294 -1.02 2.28 10.92
N GLN A 295 -0.29 3.34 11.29
CA GLN A 295 1.13 3.17 11.59
C GLN A 295 1.33 2.20 12.75
N LEU A 296 0.62 2.43 13.86
CA LEU A 296 0.66 1.43 14.94
C LEU A 296 0.36 0.05 14.38
N LYS A 297 -0.84 -0.13 13.82
CA LYS A 297 -1.32 -1.46 13.46
C LYS A 297 -0.31 -2.21 12.61
N ASP A 298 0.23 -1.56 11.59
CA ASP A 298 1.08 -2.26 10.64
C ASP A 298 2.54 -2.29 11.09
N LYS A 299 3.14 -1.12 11.33
CA LYS A 299 4.57 -1.06 11.58
C LYS A 299 4.92 -1.64 12.95
N LEU A 300 4.20 -1.25 14.00
CA LEU A 300 4.76 -1.42 15.34
C LEU A 300 4.66 -2.86 15.84
N ILE A 301 3.44 -3.36 16.01
CA ILE A 301 3.23 -4.58 16.78
C ILE A 301 3.88 -5.80 16.13
N PRO A 302 3.74 -6.03 14.83
CA PRO A 302 4.42 -7.18 14.24
C PRO A 302 5.92 -7.16 14.47
N ARG A 303 6.52 -5.99 14.59
CA ARG A 303 7.93 -5.83 14.91
C ARG A 303 8.11 -5.19 16.29
N ALA A 304 7.33 -5.65 17.27
CA ALA A 304 7.36 -5.04 18.59
C ALA A 304 8.75 -5.05 19.20
N VAL A 305 9.59 -6.00 18.80
CA VAL A 305 10.93 -6.14 19.38
C VAL A 305 11.90 -5.23 18.65
N ASP A 306 11.95 -5.35 17.32
CA ASP A 306 12.86 -4.53 16.54
C ASP A 306 12.59 -3.05 16.73
N TRP A 307 11.33 -2.67 16.88
CA TRP A 307 11.03 -1.26 17.17
C TRP A 307 11.56 -0.86 18.54
N PHE A 308 11.43 -1.73 19.54
CA PHE A 308 11.97 -1.42 20.85
C PHE A 308 13.48 -1.21 20.79
N THR A 309 14.20 -2.13 20.14
CA THR A 309 15.64 -1.95 19.99
C THR A 309 15.97 -0.93 18.91
N GLY A 310 15.03 -0.69 17.99
CA GLY A 310 15.22 0.27 16.92
C GLY A 310 15.56 -0.34 15.58
N ALA A 311 15.79 -1.65 15.53
CA ALA A 311 16.19 -2.28 14.27
C ALA A 311 15.11 -2.16 13.20
N ALA A 312 13.87 -1.90 13.58
CA ALA A 312 12.78 -1.83 12.61
C ALA A 312 12.84 -0.59 11.74
N LEU A 313 13.67 0.39 12.09
CA LEU A 313 13.80 1.61 11.30
C LEU A 313 14.24 1.30 9.87
N GLY B 31 21.86 -0.78 23.31
CA GLY B 31 23.20 -0.90 23.84
C GLY B 31 23.22 -1.24 25.32
N TYR B 32 22.71 -0.32 26.14
CA TYR B 32 22.65 -0.57 27.58
C TYR B 32 21.78 -1.77 27.90
N VAL B 33 20.77 -2.05 27.07
CA VAL B 33 19.95 -3.24 27.29
C VAL B 33 20.83 -4.48 27.22
N GLY B 34 21.82 -4.47 26.32
CA GLY B 34 22.87 -5.48 26.40
C GLY B 34 23.72 -5.30 27.64
N GLY B 35 24.07 -4.05 27.96
CA GLY B 35 24.79 -3.79 29.19
C GLY B 35 24.02 -4.13 30.44
N LEU B 36 22.71 -4.31 30.31
CA LEU B 36 21.87 -4.72 31.43
C LEU B 36 22.14 -6.20 31.73
N PRO B 37 21.70 -6.69 32.90
CA PRO B 37 22.05 -8.05 33.31
C PRO B 37 21.68 -9.08 32.25
N LYS B 38 22.22 -10.29 32.41
CA LYS B 38 21.89 -11.34 31.45
C LYS B 38 20.44 -11.77 31.51
N ASN B 39 19.69 -11.38 32.54
CA ASN B 39 18.25 -11.59 32.46
C ASN B 39 17.67 -10.85 31.28
N VAL B 40 18.11 -9.60 31.08
CA VAL B 40 17.60 -8.78 29.98
C VAL B 40 18.11 -9.29 28.65
N LYS B 41 19.39 -9.64 28.57
CA LYS B 41 19.92 -10.21 27.33
C LYS B 41 19.18 -11.50 26.97
N GLU B 42 18.97 -12.38 27.95
CA GLU B 42 18.33 -13.66 27.68
C GLU B 42 16.89 -13.47 27.26
N LYS B 43 16.19 -12.50 27.88
CA LYS B 43 14.84 -12.20 27.45
C LYS B 43 14.82 -11.68 26.00
N LEU B 44 15.79 -10.83 25.65
CA LEU B 44 15.90 -10.40 24.26
C LEU B 44 16.19 -11.57 23.33
N LEU B 45 17.01 -12.51 23.78
CA LEU B 45 17.29 -13.70 22.97
C LEU B 45 16.00 -14.48 22.71
N SER B 46 15.18 -14.65 23.75
CA SER B 46 13.90 -15.31 23.58
C SER B 46 13.02 -14.53 22.62
N LEU B 47 13.02 -13.20 22.72
CA LEU B 47 12.23 -12.39 21.80
C LEU B 47 12.70 -12.57 20.37
N LYS B 48 14.01 -12.68 20.14
CA LYS B 48 14.51 -12.90 18.79
C LYS B 48 14.11 -14.27 18.26
N THR B 49 14.12 -15.29 19.12
CA THR B 49 13.65 -16.60 18.70
C THR B 49 12.18 -16.54 18.29
N LEU B 50 11.37 -15.86 19.10
CA LEU B 50 9.98 -15.65 18.74
C LEU B 50 9.85 -14.83 17.46
N GLN B 51 10.81 -13.92 17.21
CA GLN B 51 10.82 -13.17 15.96
C GLN B 51 11.00 -14.09 14.78
N SER B 52 11.92 -15.05 14.89
CA SER B 52 12.10 -16.02 13.80
C SER B 52 10.85 -16.86 13.60
N GLU B 53 10.23 -17.30 14.69
CA GLU B 53 8.99 -18.07 14.57
C GLU B 53 7.89 -17.23 13.92
N LEU B 54 7.78 -15.97 14.32
CA LEU B 54 6.81 -15.06 13.71
C LEU B 54 7.11 -14.87 12.23
N PHE B 55 8.40 -14.85 11.87
CA PHE B 55 8.76 -14.74 10.45
C PHE B 55 8.30 -15.98 9.69
N GLU B 56 8.38 -17.15 10.30
CA GLU B 56 7.85 -18.35 9.65
C GLU B 56 6.34 -18.24 9.45
N VAL B 57 5.62 -17.76 10.48
CA VAL B 57 4.18 -17.57 10.33
C VAL B 57 3.90 -16.54 9.25
N GLU B 58 4.75 -15.52 9.17
CA GLU B 58 4.62 -14.47 8.17
C GLU B 58 4.83 -15.02 6.76
N LYS B 59 5.79 -15.91 6.60
CA LYS B 59 5.98 -16.60 5.31
C LYS B 59 4.75 -17.39 4.94
N GLU B 60 4.15 -18.09 5.92
CA GLU B 60 2.90 -18.79 5.65
C GLU B 60 1.83 -17.80 5.18
N PHE B 61 1.73 -16.66 5.86
CA PHE B 61 0.72 -15.68 5.49
C PHE B 61 0.95 -15.14 4.08
N GLN B 62 2.21 -14.87 3.73
CA GLN B 62 2.51 -14.37 2.40
C GLN B 62 2.14 -15.37 1.32
N VAL B 63 2.45 -16.65 1.55
CA VAL B 63 2.03 -17.67 0.59
C VAL B 63 0.50 -17.68 0.47
N GLU B 64 -0.19 -17.59 1.60
CA GLU B 64 -1.66 -17.61 1.56
C GLU B 64 -2.20 -16.42 0.78
N MET B 65 -1.64 -15.23 0.99
CA MET B 65 -2.19 -14.04 0.35
C MET B 65 -1.89 -14.02 -1.13
N PHE B 66 -0.73 -14.55 -1.55
CA PHE B 66 -0.51 -14.76 -2.98
C PHE B 66 -1.50 -15.77 -3.57
N GLU B 67 -1.81 -16.84 -2.84
CA GLU B 67 -2.83 -17.77 -3.32
C GLU B 67 -4.15 -17.05 -3.53
N LEU B 68 -4.57 -16.25 -2.55
CA LEU B 68 -5.83 -15.52 -2.67
C LEU B 68 -5.78 -14.51 -3.80
N GLU B 69 -4.65 -13.82 -3.95
CA GLU B 69 -4.50 -12.84 -5.03
C GLU B 69 -4.63 -13.52 -6.39
N ASN B 70 -4.02 -14.69 -6.56
CA ASN B 70 -4.19 -15.42 -7.81
C ASN B 70 -5.65 -15.83 -8.01
N LYS B 71 -6.30 -16.29 -6.94
CA LYS B 71 -7.70 -16.67 -7.04
C LYS B 71 -8.54 -15.53 -7.60
N PHE B 72 -8.40 -14.34 -7.03
CA PHE B 72 -9.20 -13.20 -7.49
C PHE B 72 -8.67 -12.59 -8.78
N LEU B 73 -7.40 -12.80 -9.11
CA LEU B 73 -6.91 -12.39 -10.42
C LEU B 73 -7.57 -13.21 -11.53
N GLN B 74 -7.85 -14.48 -11.23
CA GLN B 74 -8.62 -15.29 -12.18
C GLN B 74 -9.99 -14.69 -12.43
N LYS B 75 -10.57 -14.02 -11.44
CA LYS B 75 -11.82 -13.30 -11.64
C LYS B 75 -11.62 -11.99 -12.38
N TYR B 76 -10.49 -11.31 -12.13
CA TYR B 76 -10.20 -10.08 -12.84
C TYR B 76 -10.04 -10.33 -14.33
N LYS B 77 -9.38 -11.42 -14.71
CA LYS B 77 -9.04 -11.64 -16.10
C LYS B 77 -10.24 -11.59 -17.03
N PRO B 78 -11.35 -12.27 -16.75
CA PRO B 78 -12.51 -12.18 -17.67
C PRO B 78 -12.97 -10.76 -17.93
N ILE B 79 -13.03 -9.91 -16.90
CA ILE B 79 -13.48 -8.54 -17.10
C ILE B 79 -12.50 -7.79 -18.00
N TRP B 80 -11.20 -7.95 -17.74
CA TRP B 80 -10.21 -7.23 -18.50
C TRP B 80 -10.24 -7.67 -19.96
N GLU B 81 -10.35 -8.97 -20.20
CA GLU B 81 -10.41 -9.47 -21.56
C GLU B 81 -11.69 -9.00 -22.25
N GLN B 82 -12.80 -8.93 -21.52
CA GLN B 82 -14.04 -8.43 -22.12
C GLN B 82 -13.90 -6.99 -22.56
N ARG B 83 -13.32 -6.15 -21.69
CA ARG B 83 -13.14 -4.76 -22.11
C ARG B 83 -12.14 -4.67 -23.27
N SER B 84 -11.15 -5.56 -23.31
CA SER B 84 -10.21 -5.55 -24.42
C SER B 84 -10.92 -5.88 -25.73
N ARG B 85 -11.80 -6.88 -25.71
CA ARG B 85 -12.57 -7.22 -26.90
C ARG B 85 -13.42 -6.04 -27.33
N ILE B 86 -14.06 -5.36 -26.39
CA ILE B 86 -14.82 -4.16 -26.73
C ILE B 86 -13.90 -3.12 -27.35
N ILE B 87 -12.71 -2.95 -26.78
CA ILE B 87 -11.79 -1.89 -27.22
C ILE B 87 -11.36 -2.13 -28.66
N SER B 88 -10.93 -3.36 -28.96
CA SER B 88 -10.55 -3.70 -30.32
C SER B 88 -11.73 -3.77 -31.27
N GLY B 89 -12.96 -3.73 -30.76
CA GLY B 89 -14.13 -3.89 -31.58
C GLY B 89 -14.51 -5.33 -31.85
N GLN B 90 -13.83 -6.29 -31.23
CA GLN B 90 -14.12 -7.70 -31.43
C GLN B 90 -15.48 -8.12 -30.86
N GLU B 91 -16.08 -7.30 -30.00
CA GLU B 91 -17.36 -7.63 -29.40
C GLU B 91 -18.17 -6.35 -29.23
N GLN B 92 -19.49 -6.50 -29.13
CA GLN B 92 -20.40 -5.37 -29.09
C GLN B 92 -21.07 -5.25 -27.73
N PRO B 93 -21.41 -4.04 -27.28
CA PRO B 93 -22.15 -3.90 -26.02
C PRO B 93 -23.57 -4.42 -26.13
N LYS B 94 -24.32 -4.35 -25.04
CA LYS B 94 -25.72 -4.75 -25.01
C LYS B 94 -26.55 -3.64 -24.38
N PRO B 95 -27.84 -3.56 -24.71
CA PRO B 95 -28.66 -2.47 -24.18
C PRO B 95 -28.64 -2.37 -22.66
N GLU B 96 -28.68 -3.51 -21.96
CA GLU B 96 -28.68 -3.47 -20.50
C GLU B 96 -27.38 -2.88 -19.97
N GLN B 97 -26.25 -3.25 -20.58
CA GLN B 97 -24.97 -2.68 -20.16
C GLN B 97 -24.94 -1.18 -20.38
N ILE B 98 -25.46 -0.73 -21.52
CA ILE B 98 -25.48 0.70 -21.81
C ILE B 98 -26.37 1.43 -20.80
N ALA B 99 -27.52 0.85 -20.46
CA ALA B 99 -28.41 1.48 -19.49
C ALA B 99 -27.76 1.54 -18.11
N LYS B 100 -27.07 0.46 -17.71
CA LYS B 100 -26.40 0.45 -16.42
C LYS B 100 -25.31 1.50 -16.38
N GLY B 101 -24.53 1.62 -17.46
CA GLY B 101 -23.54 2.68 -17.55
C GLY B 101 -24.15 4.05 -17.54
N GLN B 102 -25.32 4.22 -18.16
CA GLN B 102 -26.06 5.48 -18.08
C GLN B 102 -26.35 5.84 -16.63
N GLU B 103 -26.93 4.90 -15.88
CA GLU B 103 -27.26 5.17 -14.50
C GLU B 103 -26.01 5.48 -13.68
N ILE B 104 -24.93 4.72 -13.91
CA ILE B 104 -23.70 4.92 -13.15
C ILE B 104 -23.11 6.28 -13.46
N VAL B 105 -23.09 6.66 -14.74
CA VAL B 105 -22.54 7.95 -15.14
C VAL B 105 -23.35 9.08 -14.52
N GLU B 106 -24.67 8.96 -14.52
CA GLU B 106 -25.50 9.96 -13.86
C GLU B 106 -25.15 10.04 -12.38
N SER B 107 -24.96 8.88 -11.74
CA SER B 107 -24.49 8.88 -10.36
C SER B 107 -23.07 9.41 -10.25
N LEU B 108 -22.23 9.18 -11.27
CA LEU B 108 -20.85 9.65 -11.23
C LEU B 108 -20.75 11.16 -11.42
N ASN B 109 -21.78 11.79 -11.99
CA ASN B 109 -21.85 13.20 -12.36
C ASN B 109 -21.02 13.48 -13.61
N GLU B 110 -20.38 12.47 -14.20
CA GLU B 110 -19.58 12.66 -15.42
C GLU B 110 -20.54 12.67 -16.62
N THR B 111 -21.34 13.73 -16.68
CA THR B 111 -22.37 13.86 -17.71
C THR B 111 -21.82 14.05 -19.12
N GLU B 112 -20.51 14.02 -19.30
CA GLU B 112 -19.94 14.23 -20.63
C GLU B 112 -20.22 13.04 -21.55
N LEU B 113 -20.21 11.82 -20.99
CA LEU B 113 -20.47 10.63 -21.80
C LEU B 113 -21.90 10.59 -22.33
N LEU B 114 -22.79 11.42 -21.79
CA LEU B 114 -24.21 11.29 -22.10
C LEU B 114 -24.48 11.51 -23.58
N VAL B 115 -25.43 10.76 -24.11
CA VAL B 115 -25.79 10.82 -25.52
C VAL B 115 -26.67 12.03 -25.78
N ASP B 116 -26.57 12.57 -26.98
CA ASP B 116 -27.40 13.68 -27.44
C ASP B 116 -28.06 13.32 -28.76
N GLU B 117 -29.18 13.99 -29.05
CA GLU B 117 -29.95 13.67 -30.25
C GLU B 117 -29.11 13.87 -31.51
N GLU B 118 -28.26 14.89 -31.53
CA GLU B 118 -27.41 15.11 -32.70
C GLU B 118 -26.52 13.90 -32.94
N GLU B 119 -26.02 13.28 -31.88
CA GLU B 119 -25.25 12.05 -32.03
C GLU B 119 -26.15 10.90 -32.49
N LYS B 120 -27.38 10.84 -31.99
CA LYS B 120 -28.31 9.82 -32.42
C LYS B 120 -28.59 9.91 -33.92
N ALA B 121 -28.50 11.13 -34.48
CA ALA B 121 -28.79 11.31 -35.90
C ALA B 121 -27.83 10.51 -36.78
N GLN B 122 -26.66 10.16 -36.26
CA GLN B 122 -25.67 9.44 -37.05
C GLN B 122 -26.25 8.12 -37.55
N ASN B 123 -26.02 7.84 -38.83
CA ASN B 123 -26.45 6.58 -39.43
C ASN B 123 -25.48 5.45 -39.07
N ASP B 124 -25.97 4.21 -39.19
CA ASP B 124 -25.13 3.06 -38.89
C ASP B 124 -23.93 3.00 -39.82
N SER B 125 -24.10 3.37 -41.09
CA SER B 125 -22.98 3.39 -42.01
C SER B 125 -21.86 4.30 -41.50
N GLU B 126 -22.22 5.42 -40.87
CA GLU B 126 -21.22 6.29 -40.29
C GLU B 126 -20.58 5.66 -39.06
N GLU B 127 -21.38 4.97 -38.25
CA GLU B 127 -20.88 4.42 -36.99
C GLU B 127 -19.85 3.31 -37.23
N GLU B 128 -20.17 2.37 -38.12
CA GLU B 128 -19.35 1.18 -38.30
C GLU B 128 -18.08 1.42 -39.10
N GLN B 129 -17.77 2.68 -39.44
CA GLN B 129 -16.52 2.95 -40.14
C GLN B 129 -15.30 2.61 -39.30
N VAL B 130 -15.46 2.49 -37.98
CA VAL B 130 -14.41 2.03 -37.08
C VAL B 130 -15.01 0.98 -36.16
N LYS B 131 -14.31 -0.15 -36.03
CA LYS B 131 -14.83 -1.24 -35.20
C LYS B 131 -14.49 -1.02 -33.73
N GLY B 132 -13.20 -0.83 -33.42
CA GLY B 132 -12.79 -0.56 -32.06
C GLY B 132 -12.70 0.94 -31.78
N ILE B 133 -12.60 1.25 -30.49
CA ILE B 133 -12.48 2.64 -30.06
C ILE B 133 -11.15 3.16 -30.57
N PRO B 134 -11.13 4.22 -31.39
CA PRO B 134 -9.84 4.73 -31.88
C PRO B 134 -8.95 5.19 -30.74
N SER B 135 -7.68 4.77 -30.80
CA SER B 135 -6.65 5.22 -29.88
C SER B 135 -7.10 5.09 -28.42
N PHE B 136 -7.84 4.02 -28.13
CA PHE B 136 -8.33 3.82 -26.77
C PHE B 136 -7.18 3.77 -25.78
N TRP B 137 -6.32 2.76 -25.92
CA TRP B 137 -5.21 2.60 -24.99
C TRP B 137 -4.24 3.78 -25.09
N LEU B 138 -3.95 4.23 -26.31
CA LEU B 138 -3.09 5.39 -26.47
C LEU B 138 -3.63 6.59 -25.70
N THR B 139 -4.94 6.82 -25.79
CA THR B 139 -5.56 7.89 -25.01
C THR B 139 -5.39 7.63 -23.51
N ALA B 140 -5.69 6.40 -23.09
CA ALA B 140 -5.58 6.07 -21.67
C ALA B 140 -4.13 6.23 -21.18
N LEU B 141 -3.17 5.72 -21.96
CA LEU B 141 -1.78 5.85 -21.56
C LEU B 141 -1.33 7.30 -21.59
N GLU B 142 -1.90 8.11 -22.49
CA GLU B 142 -1.57 9.53 -22.50
C GLU B 142 -2.07 10.22 -21.24
N ASN B 143 -3.24 9.82 -20.75
CA ASN B 143 -3.72 10.39 -19.49
C ASN B 143 -2.93 9.88 -18.30
N LEU B 144 -2.42 8.65 -18.37
CA LEU B 144 -1.73 8.07 -17.25
C LEU B 144 -0.48 8.90 -16.94
N PRO B 145 -0.23 9.24 -15.67
CA PRO B 145 0.77 10.29 -15.36
C PRO B 145 2.17 10.07 -15.91
N ILE B 146 2.85 8.97 -15.56
CA ILE B 146 4.25 8.83 -15.93
C ILE B 146 4.39 8.28 -17.34
N VAL B 147 3.60 7.26 -17.68
CA VAL B 147 3.82 6.54 -18.94
C VAL B 147 3.63 7.47 -20.13
N CYS B 148 2.71 8.43 -20.03
CA CYS B 148 2.46 9.31 -21.17
C CYS B 148 3.73 10.02 -21.60
N ASP B 149 4.63 10.31 -20.66
CA ASP B 149 5.90 10.94 -21.03
C ASP B 149 6.72 10.04 -21.96
N THR B 150 6.56 8.73 -21.84
CA THR B 150 7.36 7.80 -22.62
C THR B 150 6.93 7.74 -24.09
N ILE B 151 5.69 8.14 -24.40
CA ILE B 151 5.13 7.92 -25.72
C ILE B 151 5.65 8.99 -26.67
N THR B 152 6.20 8.55 -27.81
CA THR B 152 6.54 9.44 -28.91
C THR B 152 5.46 9.36 -29.98
N ASP B 153 5.61 10.21 -31.00
CA ASP B 153 4.62 10.24 -32.07
C ASP B 153 4.54 8.89 -32.79
N ARG B 154 5.71 8.33 -33.14
CA ARG B 154 5.72 7.03 -33.79
C ARG B 154 5.22 5.95 -32.83
N ASP B 155 5.52 6.08 -31.54
CA ASP B 155 4.93 5.18 -30.55
C ASP B 155 3.42 5.32 -30.53
N ALA B 156 2.92 6.55 -30.58
CA ALA B 156 1.48 6.77 -30.59
C ALA B 156 0.84 6.08 -31.79
N GLU B 157 1.46 6.22 -32.96
CA GLU B 157 0.96 5.51 -34.13
C GLU B 157 1.00 4.01 -33.90
N VAL B 158 2.08 3.50 -33.31
CA VAL B 158 2.18 2.07 -33.04
C VAL B 158 1.13 1.63 -32.04
N LEU B 159 0.94 2.42 -30.97
CA LEU B 159 0.01 2.03 -29.93
C LEU B 159 -1.41 1.90 -30.46
N GLU B 160 -1.72 2.52 -31.60
CA GLU B 160 -3.03 2.34 -32.20
C GLU B 160 -3.33 0.88 -32.50
N TYR B 161 -2.29 0.08 -32.76
CA TYR B 161 -2.45 -1.34 -33.00
C TYR B 161 -2.43 -2.16 -31.71
N LEU B 162 -2.35 -1.53 -30.55
CA LEU B 162 -2.37 -2.24 -29.28
C LEU B 162 -3.81 -2.58 -28.92
N GLN B 163 -4.09 -3.87 -28.76
CA GLN B 163 -5.45 -4.32 -28.47
C GLN B 163 -5.72 -4.47 -26.98
N ASP B 164 -4.82 -5.12 -26.26
CA ASP B 164 -5.08 -5.50 -24.88
C ASP B 164 -3.81 -5.41 -24.05
N ILE B 165 -3.99 -5.27 -22.74
CA ILE B 165 -2.93 -5.40 -21.76
C ILE B 165 -3.38 -6.43 -20.73
N GLY B 166 -2.61 -7.49 -20.57
CA GLY B 166 -2.93 -8.56 -19.63
C GLY B 166 -1.85 -8.70 -18.59
N LEU B 167 -2.25 -9.19 -17.42
CA LEU B 167 -1.34 -9.34 -16.29
C LEU B 167 -1.42 -10.76 -15.75
N GLU B 168 -0.32 -11.22 -15.18
CA GLU B 168 -0.22 -12.58 -14.67
C GLU B 168 0.77 -12.61 -13.50
N TYR B 169 0.66 -13.67 -12.70
CA TYR B 169 1.52 -13.88 -11.55
C TYR B 169 2.44 -15.07 -11.78
N LEU B 170 3.66 -14.97 -11.25
CA LEU B 170 4.65 -16.03 -11.36
C LEU B 170 4.50 -16.99 -10.18
N THR B 171 4.17 -18.25 -10.49
CA THR B 171 3.98 -19.25 -9.44
C THR B 171 5.28 -19.97 -9.08
N ASP B 172 6.13 -20.25 -10.07
CA ASP B 172 7.32 -21.06 -9.85
C ASP B 172 8.50 -20.21 -9.43
N GLY B 173 9.38 -20.81 -8.63
CA GLY B 173 10.62 -20.14 -8.26
C GLY B 173 10.36 -18.81 -7.58
N ARG B 174 11.09 -17.79 -8.03
CA ARG B 174 10.96 -16.47 -7.44
C ARG B 174 9.52 -15.97 -7.60
N PRO B 175 8.93 -15.38 -6.57
CA PRO B 175 7.62 -14.75 -6.76
C PRO B 175 7.74 -13.48 -7.58
N GLY B 176 6.73 -13.22 -8.40
CA GLY B 176 6.74 -12.07 -9.27
C GLY B 176 5.51 -12.06 -10.14
N PHE B 177 5.37 -11.00 -10.93
CA PHE B 177 4.20 -10.80 -11.76
C PHE B 177 4.62 -10.38 -13.16
N LYS B 178 3.83 -10.80 -14.14
CA LYS B 178 4.18 -10.68 -15.55
C LYS B 178 3.13 -9.86 -16.27
N LEU B 179 3.57 -9.10 -17.27
CA LEU B 179 2.73 -8.20 -18.05
C LEU B 179 2.71 -8.64 -19.50
N LEU B 180 1.55 -8.52 -20.15
CA LEU B 180 1.37 -8.93 -21.53
C LEU B 180 0.67 -7.83 -22.31
N PHE B 181 1.08 -7.64 -23.55
CA PHE B 181 0.38 -6.79 -24.50
C PHE B 181 0.03 -7.61 -25.74
N ARG B 182 -1.13 -7.34 -26.32
CA ARG B 182 -1.56 -7.98 -27.55
C ARG B 182 -1.63 -6.94 -28.66
N PHE B 183 -0.93 -7.19 -29.75
CA PHE B 183 -0.97 -6.35 -30.94
C PHE B 183 -1.57 -7.15 -32.09
N ASP B 184 -2.42 -6.50 -32.88
CA ASP B 184 -2.99 -7.12 -34.08
C ASP B 184 -1.88 -7.17 -35.13
N SER B 185 -0.97 -8.13 -34.94
CA SER B 185 0.23 -8.21 -35.76
C SER B 185 -0.10 -8.34 -37.24
N SER B 186 -1.26 -8.92 -37.57
CA SER B 186 -1.62 -9.11 -38.97
C SER B 186 -1.63 -7.77 -39.71
N ALA B 187 -2.22 -6.75 -39.11
CA ALA B 187 -2.22 -5.41 -39.70
C ALA B 187 -1.07 -4.55 -39.21
N ASN B 188 -0.33 -5.00 -38.20
CA ASN B 188 0.78 -4.21 -37.69
C ASN B 188 1.88 -4.11 -38.73
N PRO B 189 2.28 -2.92 -39.17
CA PRO B 189 3.38 -2.82 -40.13
C PRO B 189 4.76 -2.75 -39.51
N PHE B 190 4.87 -2.81 -38.19
CA PHE B 190 6.13 -2.53 -37.50
C PHE B 190 6.85 -3.77 -36.98
N PHE B 191 6.14 -4.74 -36.43
CA PHE B 191 6.79 -5.96 -35.96
C PHE B 191 5.83 -7.13 -36.06
N THR B 192 6.40 -8.33 -36.09
CA THR B 192 5.62 -9.56 -36.22
C THR B 192 5.22 -10.15 -34.87
N ASN B 193 5.67 -9.58 -33.76
CA ASN B 193 5.35 -10.11 -32.45
C ASN B 193 3.84 -10.05 -32.21
N ASP B 194 3.19 -11.20 -32.20
CA ASP B 194 1.75 -11.23 -31.90
C ASP B 194 1.48 -10.79 -30.47
N ILE B 195 2.34 -11.19 -29.54
CA ILE B 195 2.21 -10.82 -28.14
C ILE B 195 3.59 -10.52 -27.59
N LEU B 196 3.66 -9.53 -26.70
CA LEU B 196 4.88 -9.19 -25.99
C LEU B 196 4.63 -9.37 -24.51
N CYS B 197 5.58 -10.00 -23.81
CA CYS B 197 5.44 -10.26 -22.39
C CYS B 197 6.60 -9.65 -21.63
N LYS B 198 6.31 -9.15 -20.44
CA LYS B 198 7.29 -8.51 -19.57
C LYS B 198 7.19 -9.13 -18.18
N THR B 199 8.34 -9.43 -17.59
CA THR B 199 8.41 -10.21 -16.36
C THR B 199 9.10 -9.42 -15.27
N TYR B 200 8.62 -9.60 -14.04
CA TYR B 200 9.21 -9.00 -12.84
C TYR B 200 9.50 -10.10 -11.82
N PHE B 201 10.56 -9.90 -11.05
CA PHE B 201 11.02 -10.86 -10.06
C PHE B 201 11.15 -10.19 -8.71
N TYR B 202 10.90 -10.96 -7.66
CA TYR B 202 11.13 -10.54 -6.27
C TYR B 202 12.27 -11.36 -5.68
N GLN B 203 12.82 -10.86 -4.57
CA GLN B 203 13.88 -11.57 -3.89
C GLN B 203 13.33 -12.80 -3.17
N LYS B 204 14.24 -13.67 -2.74
CA LYS B 204 13.86 -14.99 -2.26
C LYS B 204 13.02 -14.91 -1.00
N GLU B 205 13.51 -14.19 0.02
CA GLU B 205 12.87 -14.13 1.32
C GLU B 205 12.00 -12.88 1.42
N LEU B 206 11.25 -12.78 2.51
CA LEU B 206 10.37 -11.65 2.75
C LEU B 206 11.23 -10.44 3.12
N GLY B 207 11.21 -9.40 2.28
CA GLY B 207 11.89 -8.18 2.62
C GLY B 207 11.35 -7.64 3.92
N TYR B 208 12.17 -6.90 4.68
CA TYR B 208 11.72 -6.38 5.96
C TYR B 208 10.47 -5.52 5.77
N SER B 209 9.69 -5.40 6.84
CA SER B 209 8.37 -4.77 6.86
C SER B 209 7.31 -5.73 6.33
N GLY B 210 7.66 -6.95 5.96
CA GLY B 210 6.67 -7.94 5.58
C GLY B 210 6.08 -7.76 4.20
N ASP B 211 6.76 -7.06 3.31
CA ASP B 211 6.40 -6.97 1.92
C ASP B 211 7.42 -7.73 1.08
N PHE B 212 7.21 -7.73 -0.23
CA PHE B 212 8.16 -8.29 -1.17
C PHE B 212 8.87 -7.16 -1.90
N ILE B 213 10.19 -7.28 -2.00
CA ILE B 213 11.01 -6.28 -2.67
C ILE B 213 11.49 -6.85 -3.98
N TYR B 214 11.76 -5.95 -4.93
CA TYR B 214 12.02 -6.34 -6.31
C TYR B 214 13.31 -7.12 -6.49
N ASP B 215 13.29 -8.01 -7.47
CA ASP B 215 14.48 -8.54 -8.14
C ASP B 215 14.41 -8.09 -9.60
N HIS B 216 15.52 -8.23 -10.31
CA HIS B 216 15.61 -7.64 -11.65
C HIS B 216 14.54 -8.20 -12.56
N ALA B 217 14.37 -7.54 -13.70
CA ALA B 217 13.30 -7.82 -14.65
C ALA B 217 13.87 -8.32 -15.98
N GLU B 218 13.02 -9.03 -16.72
CA GLU B 218 13.37 -9.56 -18.02
C GLU B 218 12.19 -9.40 -18.97
N GLY B 219 12.49 -9.29 -20.26
CA GLY B 219 11.46 -9.03 -21.24
C GLY B 219 11.86 -9.55 -22.61
N CYS B 220 10.92 -9.41 -23.55
CA CYS B 220 11.09 -9.94 -24.89
C CYS B 220 11.91 -9.00 -25.76
N GLU B 221 12.28 -9.49 -26.94
CA GLU B 221 12.87 -8.70 -28.00
C GLU B 221 11.89 -8.61 -29.16
N ILE B 222 11.87 -7.46 -29.82
CA ILE B 222 10.86 -7.15 -30.83
C ILE B 222 11.39 -7.52 -32.20
N SER B 223 10.63 -8.32 -32.94
CA SER B 223 10.99 -8.71 -34.31
C SER B 223 10.45 -7.64 -35.26
N TRP B 224 11.18 -6.52 -35.33
CA TRP B 224 10.77 -5.44 -36.21
C TRP B 224 10.81 -5.90 -37.66
N LYS B 225 9.78 -5.51 -38.41
CA LYS B 225 9.71 -5.89 -39.82
C LYS B 225 10.86 -5.26 -40.60
N ASP B 226 11.20 -4.01 -40.29
CA ASP B 226 12.36 -3.37 -40.86
C ASP B 226 12.75 -2.19 -39.98
N ASN B 227 13.91 -1.61 -40.26
CA ASN B 227 14.43 -0.55 -39.41
C ASN B 227 13.64 0.74 -39.53
N ALA B 228 13.14 1.06 -40.74
CA ALA B 228 12.30 2.25 -40.89
C ALA B 228 11.06 2.14 -40.02
N HIS B 229 10.47 0.95 -39.96
CA HIS B 229 9.34 0.68 -39.08
C HIS B 229 9.75 0.39 -37.64
N ASN B 230 11.04 0.33 -37.34
CA ASN B 230 11.50 0.11 -35.98
C ASN B 230 11.42 1.43 -35.23
N VAL B 231 10.40 1.57 -34.38
CA VAL B 231 10.20 2.82 -33.64
C VAL B 231 11.15 2.97 -32.47
N THR B 232 11.83 1.89 -32.07
CA THR B 232 12.93 1.98 -31.13
C THR B 232 14.22 2.42 -31.78
N VAL B 233 14.16 2.84 -33.04
CA VAL B 233 15.35 3.12 -33.84
C VAL B 233 15.06 4.28 -34.77
N ASP B 234 16.07 5.11 -35.01
CA ASP B 234 16.09 6.07 -36.10
C ASP B 234 17.03 5.56 -37.18
N LEU B 235 16.70 5.84 -38.43
CA LEU B 235 17.27 5.11 -39.56
C LEU B 235 17.96 6.05 -40.54
N GLU B 236 19.00 5.52 -41.18
CA GLU B 236 19.72 6.21 -42.24
C GLU B 236 19.95 5.24 -43.39
N MET B 237 19.73 5.71 -44.61
CA MET B 237 20.02 4.94 -45.82
C MET B 237 21.15 5.63 -46.57
N ARG B 238 22.14 4.83 -46.99
CA ARG B 238 23.31 5.37 -47.68
C ARG B 238 23.71 4.43 -48.80
N LYS B 239 23.98 5.00 -49.97
CA LYS B 239 24.47 4.28 -51.13
C LYS B 239 25.79 4.90 -51.53
N GLN B 240 26.85 4.10 -51.57
CA GLN B 240 28.21 4.64 -51.57
C GLN B 240 29.10 3.85 -52.53
N ARG B 241 30.16 4.53 -52.97
CA ARG B 241 31.30 3.91 -53.64
C ARG B 241 32.52 4.25 -52.80
N ASN B 242 33.10 3.26 -52.13
CA ASN B 242 34.10 3.50 -51.10
C ASN B 242 35.31 4.21 -51.70
N LYS B 243 35.72 5.31 -51.08
CA LYS B 243 36.84 6.09 -51.59
C LYS B 243 38.16 5.33 -51.45
N THR B 244 38.26 4.42 -50.49
CA THR B 244 39.50 3.68 -50.28
C THR B 244 39.58 2.47 -51.21
N THR B 245 38.57 1.62 -51.17
CA THR B 245 38.56 0.38 -51.95
C THR B 245 37.86 0.52 -53.30
N LYS B 246 37.06 1.56 -53.49
CA LYS B 246 36.27 1.76 -54.70
C LYS B 246 35.29 0.61 -54.95
N GLN B 247 34.90 -0.08 -53.87
CA GLN B 247 33.78 -1.00 -53.96
C GLN B 247 32.46 -0.22 -53.99
N VAL B 248 31.41 -0.90 -54.43
CA VAL B 248 30.08 -0.31 -54.54
C VAL B 248 29.18 -1.01 -53.52
N ARG B 249 28.49 -0.22 -52.70
CA ARG B 249 27.75 -0.77 -51.57
C ARG B 249 26.52 0.08 -51.28
N THR B 250 25.48 -0.58 -50.78
CA THR B 250 24.29 0.06 -50.27
C THR B 250 24.14 -0.30 -48.80
N ILE B 251 23.77 0.67 -47.98
CA ILE B 251 23.90 0.56 -46.53
C ILE B 251 22.54 0.73 -45.87
N GLU B 252 22.30 -0.06 -44.83
CA GLU B 252 21.15 0.08 -43.95
C GLU B 252 21.69 0.19 -42.53
N LYS B 253 21.42 1.32 -41.88
CA LYS B 253 22.10 1.69 -40.65
C LYS B 253 21.09 1.97 -39.55
N ILE B 254 21.52 1.71 -38.30
CA ILE B 254 20.63 1.67 -37.15
C ILE B 254 21.23 2.45 -36.00
N THR B 255 20.37 3.12 -35.23
CA THR B 255 20.75 3.75 -33.97
C THR B 255 19.53 3.77 -33.05
N PRO B 256 19.64 3.17 -31.84
CA PRO B 256 18.50 3.10 -30.93
C PRO B 256 18.01 4.46 -30.44
N ILE B 257 16.72 4.57 -30.14
CA ILE B 257 16.11 5.77 -29.59
C ILE B 257 15.14 5.38 -28.48
N GLU B 258 14.84 6.34 -27.62
CA GLU B 258 13.89 6.12 -26.54
C GLU B 258 12.48 6.03 -27.10
N SER B 259 11.67 5.19 -26.47
CA SER B 259 10.29 4.96 -26.90
C SER B 259 9.56 4.23 -25.79
N PHE B 260 8.23 4.16 -25.93
CA PHE B 260 7.44 3.37 -25.00
C PHE B 260 7.91 1.92 -24.97
N PHE B 261 8.43 1.41 -26.09
CA PHE B 261 8.86 0.03 -26.18
C PHE B 261 10.27 -0.18 -25.62
N ASN B 262 10.93 0.88 -25.16
CA ASN B 262 12.05 0.70 -24.25
C ASN B 262 11.59 0.10 -22.94
N PHE B 263 10.28 0.08 -22.68
CA PHE B 263 9.73 -0.72 -21.60
C PHE B 263 10.17 -2.17 -21.70
N PHE B 264 10.30 -2.68 -22.93
CA PHE B 264 10.98 -3.93 -23.17
C PHE B 264 12.49 -3.69 -23.30
N ASP B 265 13.24 -4.77 -23.50
CA ASP B 265 14.69 -4.69 -23.34
C ASP B 265 14.96 -4.14 -21.95
N PRO B 266 14.32 -4.69 -20.91
CA PRO B 266 14.43 -4.10 -19.59
C PRO B 266 15.84 -4.21 -19.05
N PRO B 267 16.12 -3.59 -17.91
CA PRO B 267 17.48 -3.67 -17.35
C PRO B 267 17.92 -5.12 -17.21
N LYS B 268 19.17 -5.38 -17.59
CA LYS B 268 19.64 -6.74 -17.78
C LYS B 268 19.59 -7.54 -16.48
N ILE B 269 20.40 -7.14 -15.50
CA ILE B 269 20.59 -7.93 -14.28
C ILE B 269 20.53 -7.00 -13.09
N GLN B 270 20.14 -7.56 -11.94
CA GLN B 270 20.19 -6.81 -10.69
C GLN B 270 21.61 -6.34 -10.40
N ASN B 271 22.58 -7.25 -10.47
CA ASN B 271 23.97 -6.92 -10.22
C ASN B 271 24.86 -8.02 -10.80
N GLU B 272 25.90 -7.61 -11.52
CA GLU B 272 26.90 -8.54 -12.01
C GLU B 272 28.18 -7.77 -12.29
N ASP B 273 29.29 -8.50 -12.33
CA ASP B 273 30.59 -7.85 -12.40
C ASP B 273 30.75 -7.04 -13.67
N GLN B 274 30.33 -7.58 -14.81
CA GLN B 274 30.56 -6.92 -16.09
C GLN B 274 29.58 -5.79 -16.36
N ASP B 275 28.47 -5.72 -15.62
CA ASP B 275 27.41 -4.77 -15.92
C ASP B 275 27.54 -3.45 -15.16
N GLU B 276 28.50 -3.31 -14.24
CA GLU B 276 28.45 -2.24 -13.25
C GLU B 276 28.25 -0.88 -13.90
N GLU B 277 29.07 -0.55 -14.90
CA GLU B 277 28.89 0.70 -15.62
C GLU B 277 27.49 0.74 -16.23
N LEU B 278 27.02 -0.38 -16.75
CA LEU B 278 25.61 -0.46 -17.12
C LEU B 278 24.73 -0.45 -15.87
N GLU B 279 25.15 -1.12 -14.79
CA GLU B 279 24.29 -1.22 -13.62
C GLU B 279 23.83 0.12 -13.10
N GLU B 280 24.62 1.18 -13.29
CA GLU B 280 24.13 2.51 -12.90
C GLU B 280 22.80 2.82 -13.60
N ASP B 281 22.81 2.74 -14.94
CA ASP B 281 21.60 2.98 -15.71
C ASP B 281 20.55 1.92 -15.41
N LEU B 282 20.98 0.68 -15.20
CA LEU B 282 20.04 -0.39 -14.89
C LEU B 282 19.28 -0.07 -13.60
N GLU B 283 19.98 0.42 -12.58
CA GLU B 283 19.31 0.76 -11.32
C GLU B 283 18.35 1.93 -11.50
N GLU B 284 18.80 2.99 -12.17
CA GLU B 284 17.91 4.15 -12.36
C GLU B 284 16.68 3.73 -13.16
N ARG B 285 16.90 3.12 -14.32
CA ARG B 285 15.81 2.65 -15.16
C ARG B 285 15.00 1.57 -14.46
N LEU B 286 15.58 0.85 -13.50
CA LEU B 286 14.82 -0.13 -12.74
C LEU B 286 13.83 0.56 -11.83
N ALA B 287 14.29 1.58 -11.11
CA ALA B 287 13.36 2.38 -10.32
C ALA B 287 12.22 2.89 -11.20
N LEU B 288 12.57 3.48 -12.35
CA LEU B 288 11.55 4.04 -13.22
C LEU B 288 10.61 2.95 -13.76
N ASP B 289 11.17 1.82 -14.17
CA ASP B 289 10.38 0.75 -14.79
C ASP B 289 9.49 0.05 -13.78
N TYR B 290 9.99 -0.15 -12.57
CA TYR B 290 9.15 -0.66 -11.49
C TYR B 290 8.02 0.31 -11.20
N SER B 291 8.31 1.62 -11.19
CA SER B 291 7.22 2.58 -11.01
C SER B 291 6.20 2.44 -12.13
N ILE B 292 6.66 2.28 -13.37
CA ILE B 292 5.75 2.18 -14.50
C ILE B 292 4.90 0.92 -14.39
N GLY B 293 5.54 -0.21 -14.08
CA GLY B 293 4.79 -1.46 -13.96
C GLY B 293 3.81 -1.43 -12.80
N GLU B 294 4.22 -0.85 -11.68
CA GLU B 294 3.31 -0.70 -10.54
C GLU B 294 2.12 0.16 -10.93
N GLN B 295 2.37 1.24 -11.67
CA GLN B 295 1.29 2.08 -12.16
C GLN B 295 0.33 1.29 -13.03
N LEU B 296 0.86 0.57 -14.02
CA LEU B 296 0.00 -0.29 -14.83
C LEU B 296 -0.84 -1.19 -13.93
N LYS B 297 -0.16 -1.94 -13.07
CA LYS B 297 -0.79 -2.99 -12.28
C LYS B 297 -1.92 -2.45 -11.42
N ASP B 298 -1.68 -1.33 -10.74
CA ASP B 298 -2.69 -0.84 -9.80
C ASP B 298 -3.73 0.02 -10.50
N LYS B 299 -3.29 0.95 -11.34
CA LYS B 299 -4.18 1.96 -11.90
C LYS B 299 -4.77 1.52 -13.24
N LEU B 300 -3.92 1.24 -14.22
CA LEU B 300 -4.42 1.15 -15.59
C LEU B 300 -5.24 -0.12 -15.80
N ILE B 301 -4.61 -1.29 -15.62
CA ILE B 301 -5.32 -2.54 -15.84
C ILE B 301 -6.53 -2.65 -14.93
N PRO B 302 -6.47 -2.25 -13.66
CA PRO B 302 -7.70 -2.21 -12.85
C PRO B 302 -8.62 -1.03 -13.13
N ARG B 303 -8.10 0.07 -13.68
CA ARG B 303 -8.91 1.26 -13.98
C ARG B 303 -8.51 1.71 -15.39
N ALA B 304 -9.29 1.30 -16.40
CA ALA B 304 -9.03 1.68 -17.77
C ALA B 304 -10.00 2.72 -18.31
N VAL B 305 -11.28 2.60 -17.98
CA VAL B 305 -12.30 3.46 -18.58
C VAL B 305 -12.08 4.91 -18.15
N ASP B 306 -11.94 5.13 -16.85
CA ASP B 306 -11.75 6.48 -16.35
C ASP B 306 -10.46 7.10 -16.88
N TRP B 307 -9.38 6.31 -16.93
CA TRP B 307 -8.13 6.85 -17.44
C TRP B 307 -8.21 7.19 -18.92
N PHE B 308 -8.96 6.40 -19.70
CA PHE B 308 -9.23 6.80 -21.08
C PHE B 308 -10.00 8.11 -21.12
N THR B 309 -11.12 8.18 -20.41
CA THR B 309 -11.95 9.37 -20.44
C THR B 309 -11.30 10.56 -19.75
N GLY B 310 -10.29 10.31 -18.91
CA GLY B 310 -9.67 11.36 -18.14
C GLY B 310 -10.31 11.61 -16.79
N ALA B 311 -11.43 10.95 -16.49
CA ALA B 311 -12.07 11.13 -15.19
C ALA B 311 -11.16 10.68 -14.06
N ALA B 312 -10.26 9.72 -14.32
CA ALA B 312 -9.36 9.24 -13.28
C ALA B 312 -8.34 10.29 -12.85
N LEU B 313 -8.15 11.34 -13.66
CA LEU B 313 -7.19 12.37 -13.34
C LEU B 313 -7.47 12.98 -11.97
#